data_6FYQ
#
_entry.id   6FYQ
#
_cell.length_a   100.886
_cell.length_b   100.886
_cell.length_c   97.411
_cell.angle_alpha   90.000
_cell.angle_beta   90.000
_cell.angle_gamma   120.000
#
_symmetry.space_group_name_H-M   'P 32 2 1'
#
loop_
_entity.id
_entity.type
_entity.pdbx_description
1 polymer 'amine transaminase'
2 non-polymer "PYRIDOXAL-5'-PHOSPHATE"
3 non-polymer 1,2-ETHANEDIOL
4 non-polymer 'CHLORIDE ION'
5 water water
#
_entity_poly.entity_id   1
_entity_poly.type   'polypeptide(L)'
_entity_poly.pdbx_seq_one_letter_code
;MRGSHHHHHHGMASMTGGQQMGRDLYDDDDKDHPFTMRSLTELDKKHFIHPFSSIQEQQHKGAKVIMKEGDGIYLTDVTG
KTYIDGVSSLWNVNVGHGRVELAEAAAQQMKKMAFSSAFSTFSHEPAIRLAEKIASITPEGLNAVFFTSGGSESNDSAVK
LVRHYWKIQGKPNKRKIISLKRSYHGVAAASTSVTGIPEFWGMAGHMMTDFLHVDTHYNNTTEQAVQSLCQAIEEAGPET
IAAFFAEPVQGAGGVIIPPEDYFLRIREVCNAYGILFVADEVITGFGRTGKMFGIENWDVIPDVMTFAKGVTSGYFPLGG
VVVSDPIHEVLKEKSVGTLFHGFTYSGHPTAAAVALKNIAIIKEERLVENSKRMGDALLHGLKKVKNRLEIVGDVRFVGL
LGAVELMQNPATNKPFSSNLQVAPKVIEALHELGVICRSVTYDHTNIICLAPPLIINQKQVDKLVEVIYEAILKVQQQLG
IKAE
;
_entity_poly.pdbx_strand_id   A
#
loop_
_chem_comp.id
_chem_comp.type
_chem_comp.name
_chem_comp.formula
CL non-polymer 'CHLORIDE ION' 'Cl -1'
EDO non-polymer 1,2-ETHANEDIOL 'C2 H6 O2'
PLP non-polymer PYRIDOXAL-5'-PHOSPHATE 'C8 H10 N O6 P'
#
# COMPACT_ATOMS: atom_id res chain seq x y z
N ARG A 38 -8.54 -25.25 19.21
CA ARG A 38 -9.90 -25.20 19.74
C ARG A 38 -10.01 -24.23 20.92
N SER A 39 -9.09 -24.36 21.89
CA SER A 39 -8.99 -23.32 22.90
C SER A 39 -8.54 -21.99 22.29
N LEU A 40 -7.67 -21.99 21.28
CA LEU A 40 -7.24 -20.73 20.70
C LEU A 40 -8.42 -20.03 20.01
N THR A 41 -9.29 -20.81 19.36
CA THR A 41 -10.43 -20.25 18.66
C THR A 41 -11.39 -19.56 19.64
N GLU A 42 -11.69 -20.24 20.75
CA GLU A 42 -12.59 -19.65 21.73
C GLU A 42 -11.98 -18.42 22.42
N LEU A 43 -10.68 -18.46 22.70
CA LEU A 43 -10.04 -17.29 23.30
C LEU A 43 -10.05 -16.10 22.36
N ASP A 44 -9.79 -16.38 21.07
CA ASP A 44 -9.84 -15.32 20.08
C ASP A 44 -11.21 -14.64 20.08
N LYS A 45 -12.28 -15.43 20.01
CA LYS A 45 -13.66 -14.91 20.05
C LYS A 45 -13.89 -14.01 21.26
N LYS A 46 -13.47 -14.46 22.43
CA LYS A 46 -13.79 -13.74 23.67
C LYS A 46 -12.99 -12.44 23.80
N HIS A 47 -11.75 -12.43 23.34
CA HIS A 47 -10.81 -11.38 23.76
C HIS A 47 -10.25 -10.50 22.66
N PHE A 48 -10.26 -10.92 21.40
CA PHE A 48 -9.55 -10.18 20.35
C PHE A 48 -10.59 -9.62 19.37
N ILE A 49 -10.77 -8.30 19.37
CA ILE A 49 -11.57 -7.64 18.32
C ILE A 49 -10.65 -7.32 17.13
N HIS A 50 -10.90 -7.98 15.94
CA HIS A 50 -9.88 -7.90 14.88
C HIS A 50 -10.04 -6.66 14.01
N PRO A 51 -8.94 -6.20 13.43
CA PRO A 51 -9.01 -5.20 12.36
C PRO A 51 -9.71 -5.80 11.16
N PHE A 52 -10.50 -4.97 10.47
CA PHE A 52 -11.07 -5.31 9.15
C PHE A 52 -11.53 -6.78 9.09
N SER A 53 -12.39 -7.13 10.03
CA SER A 53 -12.95 -8.46 10.17
C SER A 53 -14.41 -8.32 10.59
N SER A 54 -15.23 -9.26 10.11
CA SER A 54 -16.64 -9.29 10.51
C SER A 54 -16.72 -9.93 11.88
N ILE A 55 -17.10 -9.15 12.90
CA ILE A 55 -17.19 -9.71 14.24
C ILE A 55 -18.21 -10.83 14.26
N GLN A 56 -19.33 -10.65 13.56
CA GLN A 56 -20.35 -11.70 13.55
C GLN A 56 -19.82 -12.97 12.90
N GLU A 57 -19.00 -12.85 11.85
CA GLU A 57 -18.38 -14.06 11.32
C GLU A 57 -17.47 -14.72 12.36
N GLN A 58 -16.63 -13.91 13.01
CA GLN A 58 -15.75 -14.42 14.06
C GLN A 58 -16.52 -15.20 15.10
N GLN A 59 -17.65 -14.66 15.57
CA GLN A 59 -18.38 -15.34 16.64
C GLN A 59 -19.04 -16.63 16.14
N HIS A 60 -19.47 -16.65 14.89
CA HIS A 60 -20.21 -17.78 14.35
C HIS A 60 -19.27 -18.89 13.90
N LYS A 61 -18.22 -18.54 13.15
CA LYS A 61 -17.34 -19.54 12.55
C LYS A 61 -15.98 -19.67 13.23
N GLY A 62 -15.57 -18.71 14.05
CA GLY A 62 -14.22 -18.67 14.56
C GLY A 62 -13.25 -18.23 13.48
N ALA A 63 -12.02 -17.93 13.91
CA ALA A 63 -10.98 -17.49 12.99
C ALA A 63 -10.93 -18.38 11.75
N LYS A 64 -11.00 -17.78 10.57
CA LYS A 64 -10.82 -18.53 9.33
C LYS A 64 -9.56 -19.41 9.40
N VAL A 65 -8.44 -18.84 9.83
CA VAL A 65 -7.19 -19.59 9.94
C VAL A 65 -6.39 -19.02 11.09
N ILE A 66 -5.60 -19.89 11.74
CA ILE A 66 -4.71 -19.45 12.80
C ILE A 66 -3.31 -19.82 12.34
N MET A 67 -2.53 -18.81 11.97
CA MET A 67 -1.21 -19.03 11.42
C MET A 67 -0.24 -19.27 12.55
N LYS A 68 0.78 -20.09 12.28
CA LYS A 68 1.80 -20.47 13.25
C LYS A 68 3.22 -20.14 12.82
N GLU A 69 3.58 -20.40 11.56
CA GLU A 69 4.97 -20.33 11.09
C GLU A 69 5.02 -19.81 9.66
N GLY A 70 6.10 -19.12 9.33
CA GLY A 70 6.33 -18.65 7.97
C GLY A 70 7.75 -18.94 7.55
N ASP A 71 7.94 -19.17 6.25
CA ASP A 71 9.27 -19.40 5.72
C ASP A 71 9.27 -19.02 4.25
N GLY A 72 10.02 -17.99 3.90
CA GLY A 72 10.02 -17.54 2.51
C GLY A 72 8.62 -17.10 2.09
N ILE A 73 8.06 -17.72 1.04
CA ILE A 73 6.76 -17.24 0.56
C ILE A 73 5.64 -18.00 1.24
N TYR A 74 5.98 -18.87 2.19
CA TYR A 74 5.00 -19.82 2.68
C TYR A 74 4.59 -19.51 4.11
N LEU A 75 3.32 -19.82 4.44
CA LEU A 75 2.83 -19.78 5.83
C LEU A 75 2.18 -21.11 6.17
N THR A 76 2.31 -21.51 7.43
CA THR A 76 1.72 -22.75 7.92
C THR A 76 0.80 -22.45 9.10
N ASP A 77 -0.37 -23.07 9.11
CA ASP A 77 -1.31 -22.78 10.18
C ASP A 77 -1.15 -23.83 11.27
N VAL A 78 -1.99 -23.74 12.30
CA VAL A 78 -1.82 -24.66 13.43
C VAL A 78 -2.26 -26.07 13.10
N THR A 79 -2.99 -26.30 12.01
CA THR A 79 -3.31 -27.67 11.62
C THR A 79 -2.21 -28.32 10.79
N GLY A 80 -1.18 -27.57 10.44
CA GLY A 80 -0.10 -28.08 9.61
C GLY A 80 -0.27 -27.84 8.12
N LYS A 81 -1.33 -27.15 7.70
CA LYS A 81 -1.57 -26.89 6.29
C LYS A 81 -0.73 -25.70 5.84
N THR A 82 -0.14 -25.81 4.67
CA THR A 82 0.78 -24.76 4.22
C THR A 82 0.18 -23.99 3.04
N TYR A 83 0.47 -22.68 2.97
CA TYR A 83 -0.09 -21.78 1.97
C TYR A 83 1.00 -20.92 1.36
N ILE A 84 0.82 -20.59 0.09
CA ILE A 84 1.57 -19.50 -0.50
C ILE A 84 0.93 -18.20 -0.03
N ASP A 85 1.77 -17.29 0.47
CA ASP A 85 1.34 -15.98 0.99
C ASP A 85 1.20 -15.02 -0.19
N GLY A 86 0.08 -15.14 -0.90
CA GLY A 86 -0.06 -14.57 -2.23
C GLY A 86 -0.13 -13.05 -2.31
N VAL A 87 -0.45 -12.36 -1.20
CA VAL A 87 -0.34 -10.92 -1.19
C VAL A 87 0.68 -10.49 -0.14
N SER A 88 1.64 -11.36 0.17
CA SER A 88 2.69 -11.01 1.14
C SER A 88 2.07 -10.57 2.46
N SER A 89 1.03 -11.31 2.89
CA SER A 89 0.27 -11.08 4.11
C SER A 89 -0.57 -9.82 3.95
N LEU A 90 -0.01 -8.62 4.11
CA LEU A 90 -0.76 -7.40 3.72
C LEU A 90 0.13 -6.48 2.89
N TRP A 91 0.51 -6.98 1.70
CA TRP A 91 1.33 -6.24 0.77
C TRP A 91 2.62 -5.76 1.43
N ASN A 92 3.10 -6.49 2.44
CA ASN A 92 4.22 -5.93 3.21
C ASN A 92 5.37 -6.90 3.49
N VAL A 93 5.19 -8.21 3.39
CA VAL A 93 6.33 -9.06 3.74
C VAL A 93 7.21 -9.22 2.51
N ASN A 94 7.93 -8.15 2.13
CA ASN A 94 8.53 -8.14 0.80
C ASN A 94 9.70 -9.11 0.68
N VAL A 95 10.52 -9.25 1.73
CA VAL A 95 11.67 -10.18 1.61
C VAL A 95 11.32 -11.58 2.06
N GLY A 96 10.09 -11.83 2.45
CA GLY A 96 9.69 -13.18 2.80
C GLY A 96 9.80 -13.41 4.30
N HIS A 97 9.20 -14.52 4.73
CA HIS A 97 9.10 -14.88 6.14
C HIS A 97 10.37 -15.61 6.63
N GLY A 98 10.54 -15.63 7.94
CA GLY A 98 11.59 -16.44 8.54
C GLY A 98 13.01 -15.89 8.47
N ARG A 99 13.20 -14.58 8.29
CA ARG A 99 14.53 -14.01 8.06
C ARG A 99 15.34 -13.94 9.37
N VAL A 100 16.25 -14.89 9.55
CA VAL A 100 17.08 -14.92 10.74
C VAL A 100 17.86 -13.62 10.88
N GLU A 101 18.30 -13.04 9.75
CA GLU A 101 19.08 -11.80 9.80
C GLU A 101 18.25 -10.63 10.35
N LEU A 102 16.97 -10.60 10.05
CA LEU A 102 16.14 -9.50 10.59
C LEU A 102 15.90 -9.71 12.08
N ALA A 103 15.64 -10.95 12.49
CA ALA A 103 15.52 -11.27 13.91
C ALA A 103 16.78 -10.87 14.66
N GLU A 104 17.96 -11.20 14.10
CA GLU A 104 19.23 -10.88 14.75
C GLU A 104 19.46 -9.37 14.80
N ALA A 105 19.13 -8.65 13.73
CA ALA A 105 19.30 -7.20 13.77
C ALA A 105 18.44 -6.56 14.85
N ALA A 106 17.21 -7.07 15.04
CA ALA A 106 16.34 -6.52 16.08
C ALA A 106 16.88 -6.88 17.46
N ALA A 107 17.31 -8.15 17.65
CA ALA A 107 17.77 -8.56 18.98
C ALA A 107 19.03 -7.80 19.37
N GLN A 108 19.94 -7.57 18.43
CA GLN A 108 21.18 -6.85 18.74
C GLN A 108 20.88 -5.43 19.20
N GLN A 109 20.01 -4.73 18.48
CA GLN A 109 19.66 -3.38 18.92
C GLN A 109 18.82 -3.38 20.21
N MET A 110 17.95 -4.37 20.41
CA MET A 110 17.15 -4.37 21.65
C MET A 110 18.01 -4.63 22.88
N LYS A 111 19.08 -5.42 22.73
CA LYS A 111 19.99 -5.60 23.87
C LYS A 111 20.79 -4.33 24.09
N LYS A 112 21.07 -3.60 23.02
CA LYS A 112 21.98 -2.48 23.13
C LYS A 112 21.25 -1.25 23.65
N MET A 113 20.13 -0.93 22.98
CA MET A 113 19.30 0.21 23.28
C MET A 113 18.06 0.11 22.40
N ALA A 114 17.04 -0.61 22.91
CA ALA A 114 15.87 -0.90 22.08
C ALA A 114 15.15 0.38 21.71
N PHE A 115 14.98 1.25 22.69
CA PHE A 115 14.25 2.49 22.47
C PHE A 115 15.00 3.67 23.05
N SER A 116 15.01 4.78 22.32
CA SER A 116 15.40 6.06 22.89
C SER A 116 14.58 7.15 22.20
N SER A 117 14.27 8.20 22.96
CA SER A 117 13.46 9.30 22.44
C SER A 117 14.14 10.06 21.29
N ALA A 118 13.36 10.41 20.27
CA ALA A 118 13.80 11.39 19.28
C ALA A 118 13.20 12.77 19.52
N PHE A 119 12.52 12.98 20.64
CA PHE A 119 11.97 14.32 20.93
C PHE A 119 13.09 15.27 21.34
N SER A 120 12.77 16.57 21.33
CA SER A 120 13.66 17.65 21.80
C SER A 120 15.04 17.62 21.14
N THR A 121 15.07 17.22 19.88
CA THR A 121 16.30 17.06 19.08
C THR A 121 17.18 15.91 19.55
N PHE A 122 16.79 15.15 20.58
CA PHE A 122 17.53 13.91 20.92
C PHE A 122 17.61 13.01 19.70
N SER A 123 18.73 12.30 19.51
CA SER A 123 18.80 11.39 18.37
C SER A 123 19.56 10.10 18.70
N HIS A 124 19.78 9.29 17.67
CA HIS A 124 20.54 8.07 17.82
C HIS A 124 20.95 7.58 16.44
N GLU A 125 22.00 6.74 16.42
CA GLU A 125 22.60 6.38 15.14
C GLU A 125 21.65 5.62 14.23
N PRO A 126 20.93 4.59 14.70
CA PRO A 126 20.02 3.88 13.78
C PRO A 126 19.06 4.79 12.99
N ALA A 127 18.40 5.75 13.64
CA ALA A 127 17.47 6.60 12.90
C ALA A 127 18.21 7.49 11.91
N ILE A 128 19.36 8.03 12.31
CA ILE A 128 20.15 8.84 11.41
C ILE A 128 20.59 8.04 10.20
N ARG A 129 21.07 6.80 10.43
CA ARG A 129 21.54 6.01 9.30
C ARG A 129 20.36 5.63 8.41
N LEU A 130 19.20 5.34 9.00
CA LEU A 130 18.04 4.97 8.18
C LEU A 130 17.55 6.14 7.35
N ALA A 131 17.49 7.33 7.96
CA ALA A 131 17.12 8.52 7.22
C ALA A 131 18.09 8.76 6.05
N GLU A 132 19.40 8.65 6.32
CA GLU A 132 20.36 8.80 5.24
C GLU A 132 20.15 7.72 4.17
N LYS A 133 19.80 6.50 4.58
CA LYS A 133 19.63 5.42 3.59
C LYS A 133 18.40 5.66 2.72
N ILE A 134 17.30 6.08 3.34
CA ILE A 134 16.10 6.33 2.56
C ILE A 134 16.32 7.43 1.55
N ALA A 135 17.04 8.50 1.96
CA ALA A 135 17.38 9.58 1.07
C ALA A 135 18.25 9.11 -0.09
N SER A 136 19.02 8.03 0.07
CA SER A 136 19.87 7.55 -1.01
C SER A 136 19.08 6.78 -2.05
N ILE A 137 17.85 6.33 -1.74
CA ILE A 137 17.12 5.48 -2.67
C ILE A 137 15.81 6.09 -3.17
N THR A 138 15.40 7.26 -2.70
CA THR A 138 14.21 7.94 -3.19
C THR A 138 14.47 8.64 -4.54
N PRO A 139 13.41 9.14 -5.20
CA PRO A 139 13.61 10.05 -6.34
C PRO A 139 14.47 11.25 -5.93
N GLU A 140 15.06 11.86 -6.93
CA GLU A 140 15.96 12.98 -6.75
C GLU A 140 15.27 14.11 -5.96
N GLY A 141 15.93 14.57 -4.91
CA GLY A 141 15.47 15.72 -4.16
C GLY A 141 14.66 15.41 -2.92
N LEU A 142 14.32 14.14 -2.69
CA LEU A 142 13.51 13.69 -1.55
C LEU A 142 14.45 13.17 -0.47
N ASN A 143 14.99 14.08 0.32
CA ASN A 143 16.14 13.77 1.16
C ASN A 143 15.91 13.88 2.66
N ALA A 144 14.73 14.33 3.09
CA ALA A 144 14.46 14.57 4.51
C ALA A 144 13.24 13.75 4.95
N VAL A 145 13.39 13.01 6.06
CA VAL A 145 12.42 11.99 6.44
C VAL A 145 11.87 12.30 7.83
N PHE A 146 10.55 12.22 7.96
CA PHE A 146 9.84 12.24 9.24
C PHE A 146 9.32 10.83 9.49
N PHE A 147 9.65 10.22 10.64
CA PHE A 147 9.31 8.82 10.87
C PHE A 147 8.02 8.62 11.67
N THR A 148 7.36 7.48 11.43
CA THR A 148 6.13 7.05 12.09
C THR A 148 6.22 5.53 12.26
N SER A 149 5.11 4.92 12.67
CA SER A 149 5.03 3.47 12.84
C SER A 149 4.01 2.81 11.91
N GLY A 150 3.49 3.51 10.89
CA GLY A 150 2.56 2.84 10.02
C GLY A 150 2.06 3.77 8.92
N GLY A 151 1.20 3.24 8.06
CA GLY A 151 0.78 3.99 6.88
C GLY A 151 -0.22 5.07 7.22
N SER A 152 -1.21 4.75 8.08
CA SER A 152 -2.18 5.75 8.52
C SER A 152 -1.48 6.88 9.24
N GLU A 153 -0.58 6.54 10.17
CA GLU A 153 0.18 7.57 10.88
C GLU A 153 0.93 8.47 9.89
N SER A 154 1.52 7.86 8.86
CA SER A 154 2.28 8.62 7.87
C SER A 154 1.37 9.58 7.11
N ASN A 155 0.23 9.10 6.65
CA ASN A 155 -0.63 9.97 5.84
C ASN A 155 -1.29 11.04 6.69
N ASP A 156 -1.66 10.72 7.94
CA ASP A 156 -2.14 11.78 8.81
C ASP A 156 -1.05 12.82 9.04
N SER A 157 0.20 12.36 9.24
CA SER A 157 1.33 13.28 9.37
C SER A 157 1.50 14.14 8.12
N ALA A 158 1.39 13.52 6.94
CA ALA A 158 1.55 14.28 5.68
C ALA A 158 0.48 15.34 5.55
N VAL A 159 -0.78 15.01 5.86
CA VAL A 159 -1.84 16.04 5.87
C VAL A 159 -1.44 17.17 6.80
N LYS A 160 -1.00 16.84 8.04
CA LYS A 160 -0.65 17.90 8.98
C LYS A 160 0.56 18.69 8.48
N LEU A 161 1.54 18.01 7.88
CA LEU A 161 2.73 18.71 7.41
C LEU A 161 2.43 19.62 6.24
N VAL A 162 1.61 19.18 5.29
CA VAL A 162 1.35 20.12 4.19
C VAL A 162 0.54 21.31 4.67
N ARG A 163 -0.41 21.09 5.60
CA ARG A 163 -1.15 22.22 6.15
CA ARG A 163 -1.13 22.24 6.11
C ARG A 163 -0.23 23.16 6.93
N HIS A 164 0.69 22.58 7.72
CA HIS A 164 1.71 23.37 8.41
C HIS A 164 2.55 24.18 7.43
N TYR A 165 2.99 23.53 6.35
CA TYR A 165 3.80 24.21 5.34
C TYR A 165 3.09 25.46 4.79
N TRP A 166 1.80 25.36 4.47
CA TRP A 166 1.14 26.55 3.92
C TRP A 166 0.87 27.59 4.99
N LYS A 167 0.64 27.17 6.23
CA LYS A 167 0.41 28.15 7.30
C LYS A 167 1.67 28.95 7.56
N ILE A 168 2.83 28.29 7.67
CA ILE A 168 4.03 29.09 7.88
C ILE A 168 4.38 29.89 6.64
N GLN A 169 3.94 29.45 5.46
CA GLN A 169 4.08 30.29 4.27
C GLN A 169 3.12 31.48 4.27
N GLY A 170 2.24 31.60 5.25
CA GLY A 170 1.30 32.71 5.26
C GLY A 170 0.04 32.48 4.45
N LYS A 171 -0.29 31.23 4.10
CA LYS A 171 -1.50 30.91 3.36
C LYS A 171 -2.36 29.94 4.15
N PRO A 172 -2.81 30.35 5.33
CA PRO A 172 -3.58 29.43 6.20
C PRO A 172 -4.85 28.92 5.56
N ASN A 173 -5.30 29.56 4.49
CA ASN A 173 -6.47 29.09 3.73
C ASN A 173 -6.19 27.88 2.83
N LYS A 174 -4.93 27.60 2.50
CA LYS A 174 -4.63 26.44 1.65
C LYS A 174 -4.63 25.22 2.54
N ARG A 175 -5.76 24.53 2.57
CA ARG A 175 -6.11 23.61 3.63
C ARG A 175 -6.64 22.28 3.10
N LYS A 176 -7.33 22.31 1.96
CA LYS A 176 -8.08 21.16 1.50
C LYS A 176 -7.15 20.10 0.91
N ILE A 177 -7.50 18.84 1.09
CA ILE A 177 -6.76 17.70 0.54
C ILE A 177 -7.62 17.07 -0.54
N ILE A 178 -7.07 16.95 -1.77
CA ILE A 178 -7.74 16.26 -2.85
C ILE A 178 -7.16 14.85 -2.99
N SER A 179 -8.04 13.89 -3.26
CA SER A 179 -7.62 12.52 -3.40
C SER A 179 -8.59 11.83 -4.35
N LEU A 180 -8.34 10.56 -4.63
CA LEU A 180 -9.02 9.87 -5.71
C LEU A 180 -10.09 8.94 -5.16
N LYS A 181 -11.16 8.81 -5.94
CA LYS A 181 -12.06 7.69 -5.70
C LYS A 181 -11.29 6.37 -5.84
N ARG A 182 -11.74 5.37 -5.09
CA ARG A 182 -11.13 4.04 -5.01
C ARG A 182 -9.77 4.09 -4.33
N SER A 183 -9.36 5.26 -3.81
CA SER A 183 -8.08 5.26 -3.12
C SER A 183 -8.24 4.68 -1.73
N TYR A 184 -7.11 4.29 -1.16
CA TYR A 184 -7.04 3.90 0.25
C TYR A 184 -5.77 4.51 0.82
N HIS A 185 -5.92 5.28 1.88
CA HIS A 185 -4.81 5.97 2.52
C HIS A 185 -4.73 5.71 4.03
N GLY A 186 -5.49 4.76 4.55
CA GLY A 186 -5.50 4.42 5.98
C GLY A 186 -6.76 4.92 6.69
N VAL A 187 -6.79 4.73 8.01
CA VAL A 187 -7.99 5.00 8.79
C VAL A 187 -7.74 5.62 10.14
N ALA A 188 -6.63 6.36 10.28
CA ALA A 188 -6.62 7.37 11.33
C ALA A 188 -7.64 8.43 10.92
N ALA A 189 -7.85 9.43 11.77
CA ALA A 189 -9.03 10.26 11.55
C ALA A 189 -8.93 11.07 10.25
N ALA A 190 -7.75 11.59 9.91
CA ALA A 190 -7.72 12.32 8.64
C ALA A 190 -7.71 11.36 7.46
N SER A 191 -6.83 10.35 7.51
CA SER A 191 -6.70 9.48 6.36
C SER A 191 -7.99 8.66 6.15
N THR A 192 -8.85 8.54 7.17
CA THR A 192 -10.17 7.90 6.97
C THR A 192 -10.98 8.64 5.90
N SER A 193 -10.95 9.98 5.93
CA SER A 193 -11.68 10.75 4.93
C SER A 193 -10.89 11.03 3.66
N VAL A 194 -9.55 11.04 3.72
CA VAL A 194 -8.77 11.16 2.50
C VAL A 194 -8.95 9.89 1.65
N THR A 195 -9.03 8.74 2.31
CA THR A 195 -9.43 7.50 1.67
C THR A 195 -10.70 7.73 0.85
N GLY A 196 -10.68 7.27 -0.39
CA GLY A 196 -11.75 7.57 -1.34
C GLY A 196 -12.80 6.49 -1.49
N ILE A 197 -12.74 5.43 -0.69
CA ILE A 197 -13.65 4.31 -0.76
C ILE A 197 -14.71 4.52 0.32
N PRO A 198 -16.00 4.65 -0.03
CA PRO A 198 -16.98 5.18 0.95
C PRO A 198 -17.23 4.25 2.12
N GLU A 199 -17.03 2.94 1.97
CA GLU A 199 -17.19 2.02 3.10
C GLU A 199 -16.42 2.50 4.33
N PHE A 200 -15.20 3.02 4.13
CA PHE A 200 -14.42 3.45 5.30
C PHE A 200 -15.07 4.62 6.04
N TRP A 201 -15.87 5.44 5.35
CA TRP A 201 -16.50 6.57 6.01
C TRP A 201 -17.65 6.13 6.91
N GLY A 202 -18.28 4.99 6.58
CA GLY A 202 -19.48 4.56 7.24
C GLY A 202 -19.30 3.88 8.59
N MET A 203 -18.05 3.58 8.97
CA MET A 203 -17.82 2.97 10.28
C MET A 203 -18.11 3.98 11.40
N ALA A 204 -17.46 5.15 11.36
CA ALA A 204 -17.69 6.20 12.34
C ALA A 204 -18.26 7.48 11.75
N GLY A 205 -18.41 7.57 10.44
CA GLY A 205 -18.75 8.82 9.81
C GLY A 205 -17.49 9.61 9.53
N HIS A 206 -17.66 10.74 8.84
CA HIS A 206 -16.53 11.59 8.55
C HIS A 206 -16.15 12.38 9.79
N MET A 207 -14.86 12.41 10.10
CA MET A 207 -14.36 13.28 11.16
C MET A 207 -13.64 14.50 10.62
N MET A 208 -13.00 14.39 9.45
CA MET A 208 -12.28 15.49 8.85
C MET A 208 -13.25 16.41 8.09
N THR A 209 -12.73 17.56 7.66
CA THR A 209 -13.57 18.53 6.98
C THR A 209 -13.13 18.82 5.55
N ASP A 210 -11.91 19.28 5.34
CA ASP A 210 -11.58 19.90 4.06
C ASP A 210 -10.94 18.86 3.13
N PHE A 211 -11.79 17.95 2.64
CA PHE A 211 -11.36 16.89 1.74
C PHE A 211 -12.24 16.90 0.50
N LEU A 212 -11.70 16.41 -0.61
CA LEU A 212 -12.38 16.38 -1.90
C LEU A 212 -11.92 15.14 -2.65
N HIS A 213 -12.88 14.42 -3.21
CA HIS A 213 -12.59 13.21 -3.98
C HIS A 213 -12.92 13.45 -5.44
N VAL A 214 -11.98 13.12 -6.33
CA VAL A 214 -12.17 13.30 -7.76
C VAL A 214 -12.07 11.93 -8.41
N ASP A 215 -12.43 11.86 -9.68
CA ASP A 215 -12.53 10.58 -10.38
C ASP A 215 -11.17 9.92 -10.55
N THR A 216 -11.17 8.60 -10.46
CA THR A 216 -9.96 7.85 -10.65
C THR A 216 -9.75 7.56 -12.14
N HIS A 217 -8.53 7.15 -12.49
CA HIS A 217 -8.20 6.75 -13.85
C HIS A 217 -8.67 5.35 -14.21
N TYR A 218 -9.22 4.59 -13.24
CA TYR A 218 -9.79 3.27 -13.52
C TYR A 218 -10.70 3.28 -14.73
N ASN A 219 -10.37 2.48 -15.74
CA ASN A 219 -11.19 2.34 -16.94
C ASN A 219 -11.48 3.71 -17.57
N ASN A 220 -10.56 4.65 -17.37
CA ASN A 220 -10.72 6.02 -17.81
C ASN A 220 -9.50 6.46 -18.62
N THR A 221 -9.68 7.53 -19.39
CA THR A 221 -8.53 8.10 -20.09
C THR A 221 -7.81 9.07 -19.17
N THR A 222 -6.55 9.35 -19.51
CA THR A 222 -5.85 10.37 -18.73
C THR A 222 -6.58 11.72 -18.81
N GLU A 223 -7.10 12.08 -19.98
CA GLU A 223 -7.72 13.39 -20.11
C GLU A 223 -8.99 13.48 -19.27
N GLN A 224 -9.78 12.41 -19.23
CA GLN A 224 -10.94 12.42 -18.34
C GLN A 224 -10.53 12.55 -16.88
N ALA A 225 -9.57 11.73 -16.45
CA ALA A 225 -9.22 11.75 -15.03
C ALA A 225 -8.62 13.09 -14.64
N VAL A 226 -7.80 13.66 -15.52
CA VAL A 226 -7.11 14.91 -15.22
C VAL A 226 -8.08 16.08 -15.24
N GLN A 227 -9.09 16.04 -16.12
CA GLN A 227 -10.06 17.12 -16.15
C GLN A 227 -10.97 17.08 -14.93
N SER A 228 -11.27 15.90 -14.39
CA SER A 228 -12.03 15.83 -13.15
C SER A 228 -11.28 16.55 -12.03
N LEU A 229 -9.98 16.32 -11.93
CA LEU A 229 -9.13 17.02 -10.97
C LEU A 229 -9.15 18.54 -11.22
N CYS A 230 -9.03 18.97 -12.47
CA CYS A 230 -9.07 20.40 -12.76
C CYS A 230 -10.42 21.01 -12.42
N GLN A 231 -11.51 20.31 -12.73
CA GLN A 231 -12.82 20.89 -12.48
C GLN A 231 -13.06 21.08 -10.98
N ALA A 232 -12.63 20.10 -10.17
CA ALA A 232 -12.82 20.23 -8.73
C ALA A 232 -11.95 21.35 -8.15
N ILE A 233 -10.71 21.46 -8.65
CA ILE A 233 -9.82 22.54 -8.21
C ILE A 233 -10.44 23.91 -8.50
N GLU A 234 -11.10 24.05 -9.65
CA GLU A 234 -11.66 25.36 -9.98
C GLU A 234 -12.95 25.63 -9.22
N GLU A 235 -13.78 24.62 -9.04
CA GLU A 235 -14.94 24.77 -8.16
C GLU A 235 -14.48 25.18 -6.75
N ALA A 236 -13.47 24.49 -6.19
CA ALA A 236 -13.00 24.86 -4.86
C ALA A 236 -12.15 26.13 -4.84
N GLY A 237 -11.43 26.44 -5.91
CA GLY A 237 -10.49 27.54 -5.90
C GLY A 237 -9.13 27.06 -5.41
N PRO A 238 -8.10 27.19 -6.25
CA PRO A 238 -6.78 26.69 -5.87
C PRO A 238 -6.23 27.34 -4.62
N GLU A 239 -6.71 28.52 -4.24
CA GLU A 239 -6.22 29.15 -3.03
C GLU A 239 -6.71 28.45 -1.75
N THR A 240 -7.65 27.51 -1.86
CA THR A 240 -8.09 26.80 -0.68
C THR A 240 -7.46 25.41 -0.57
N ILE A 241 -6.67 25.00 -1.56
CA ILE A 241 -6.23 23.61 -1.68
C ILE A 241 -4.77 23.52 -1.29
N ALA A 242 -4.47 22.57 -0.40
CA ALA A 242 -3.13 22.31 0.08
C ALA A 242 -2.40 21.28 -0.77
N ALA A 243 -3.08 20.20 -1.17
CA ALA A 243 -2.33 19.04 -1.62
C ALA A 243 -3.24 18.10 -2.37
N PHE A 244 -2.63 17.31 -3.25
CA PHE A 244 -3.25 16.22 -3.98
C PHE A 244 -2.51 14.94 -3.60
N PHE A 245 -3.24 13.95 -3.06
CA PHE A 245 -2.71 12.65 -2.64
C PHE A 245 -3.09 11.61 -3.69
N ALA A 246 -2.13 10.78 -4.11
CA ALA A 246 -2.42 9.66 -5.00
C ALA A 246 -1.51 8.49 -4.70
N GLU A 247 -2.08 7.27 -4.78
CA GLU A 247 -1.23 6.07 -4.80
C GLU A 247 -0.69 5.91 -6.22
N PRO A 248 0.59 5.59 -6.41
CA PRO A 248 1.05 5.39 -7.79
C PRO A 248 0.24 4.31 -8.50
N VAL A 249 -0.04 3.24 -7.80
CA VAL A 249 -0.93 2.17 -8.23
C VAL A 249 -1.94 2.03 -7.11
N GLN A 250 -3.23 2.14 -7.44
CA GLN A 250 -4.24 2.05 -6.38
C GLN A 250 -4.32 0.60 -5.90
N GLY A 251 -3.94 0.34 -4.65
CA GLY A 251 -3.83 -1.03 -4.16
C GLY A 251 -5.14 -1.64 -3.70
N ALA A 252 -5.72 -1.11 -2.61
CA ALA A 252 -7.01 -1.60 -2.14
C ALA A 252 -8.13 -1.36 -3.16
N GLY A 253 -7.96 -0.39 -4.05
CA GLY A 253 -8.95 -0.17 -5.09
C GLY A 253 -9.02 -1.22 -6.16
N GLY A 254 -8.05 -2.15 -6.20
CA GLY A 254 -8.10 -3.23 -7.18
C GLY A 254 -6.86 -3.29 -8.05
N VAL A 255 -5.74 -2.77 -7.53
CA VAL A 255 -4.50 -2.67 -8.30
C VAL A 255 -4.75 -1.89 -9.59
N ILE A 256 -5.19 -0.63 -9.45
CA ILE A 256 -5.48 0.21 -10.62
C ILE A 256 -4.17 0.85 -11.09
N ILE A 257 -3.73 0.47 -12.28
CA ILE A 257 -2.47 0.94 -12.85
C ILE A 257 -2.78 2.08 -13.82
N PRO A 258 -2.29 3.30 -13.58
CA PRO A 258 -2.66 4.46 -14.40
C PRO A 258 -2.04 4.43 -15.79
N PRO A 259 -2.67 5.11 -16.76
CA PRO A 259 -2.03 5.29 -18.09
C PRO A 259 -0.65 5.89 -17.97
N GLU A 260 0.17 5.70 -19.01
CA GLU A 260 1.57 6.08 -18.94
C GLU A 260 1.77 7.59 -18.79
N ASP A 261 0.83 8.41 -19.25
CA ASP A 261 1.01 9.85 -19.14
C ASP A 261 0.32 10.46 -17.93
N TYR A 262 -0.35 9.66 -17.09
CA TYR A 262 -1.27 10.23 -16.11
C TYR A 262 -0.55 11.12 -15.10
N PHE A 263 0.53 10.62 -14.48
CA PHE A 263 1.17 11.41 -13.45
C PHE A 263 1.99 12.56 -14.00
N LEU A 264 2.49 12.47 -15.24
CA LEU A 264 3.04 13.66 -15.89
C LEU A 264 2.02 14.79 -15.87
N ARG A 265 0.78 14.50 -16.27
CA ARG A 265 -0.23 15.54 -16.29
C ARG A 265 -0.50 16.02 -14.87
N ILE A 266 -0.74 15.08 -13.96
CA ILE A 266 -0.97 15.42 -12.56
C ILE A 266 0.09 16.38 -12.07
N ARG A 267 1.36 16.04 -12.32
CA ARG A 267 2.44 16.90 -11.84
C ARG A 267 2.40 18.28 -12.49
N GLU A 268 1.98 18.37 -13.74
CA GLU A 268 1.87 19.68 -14.38
C GLU A 268 0.70 20.48 -13.81
N VAL A 269 -0.44 19.81 -13.59
CA VAL A 269 -1.58 20.48 -12.96
C VAL A 269 -1.21 20.98 -11.57
N CYS A 270 -0.56 20.14 -10.77
CA CYS A 270 -0.19 20.56 -9.43
C CYS A 270 0.74 21.75 -9.46
N ASN A 271 1.73 21.70 -10.35
CA ASN A 271 2.62 22.85 -10.50
C ASN A 271 1.85 24.09 -10.86
N ALA A 272 0.89 23.98 -11.77
CA ALA A 272 0.24 25.18 -12.29
C ALA A 272 -0.58 25.87 -11.22
N TYR A 273 -1.22 25.09 -10.34
CA TYR A 273 -2.08 25.68 -9.33
C TYR A 273 -1.39 25.89 -8.00
N GLY A 274 -0.10 25.60 -7.90
CA GLY A 274 0.57 25.62 -6.60
C GLY A 274 -0.08 24.69 -5.59
N ILE A 275 -0.15 23.41 -5.94
CA ILE A 275 -0.70 22.35 -5.10
C ILE A 275 0.41 21.35 -4.87
N LEU A 276 0.57 20.87 -3.62
CA LEU A 276 1.62 19.87 -3.37
C LEU A 276 1.14 18.49 -3.82
N PHE A 277 2.02 17.72 -4.44
CA PHE A 277 1.70 16.39 -4.89
C PHE A 277 2.31 15.42 -3.90
N VAL A 278 1.45 14.70 -3.16
CA VAL A 278 1.85 13.65 -2.20
C VAL A 278 1.65 12.28 -2.86
N ALA A 279 2.74 11.50 -3.01
CA ALA A 279 2.66 10.13 -3.50
C ALA A 279 2.58 9.20 -2.30
N ASP A 280 1.50 8.41 -2.21
CA ASP A 280 1.34 7.40 -1.15
C ASP A 280 1.99 6.11 -1.61
N GLU A 281 3.25 5.87 -1.18
CA GLU A 281 4.00 4.66 -1.54
C GLU A 281 3.86 3.56 -0.50
N VAL A 282 2.82 3.59 0.32
CA VAL A 282 2.73 2.61 1.39
C VAL A 282 2.70 1.19 0.84
N ILE A 283 1.93 0.95 -0.21
CA ILE A 283 2.05 -0.38 -0.83
C ILE A 283 3.18 -0.44 -1.84
N THR A 284 3.30 0.57 -2.72
CA THR A 284 4.19 0.43 -3.85
C THR A 284 5.66 0.62 -3.48
N GLY A 285 5.98 1.00 -2.25
CA GLY A 285 7.37 1.21 -1.90
C GLY A 285 8.17 -0.09 -1.74
N PHE A 286 9.49 0.08 -1.84
CA PHE A 286 10.48 -0.96 -1.52
C PHE A 286 10.34 -2.19 -2.42
N GLY A 287 10.32 -1.93 -3.73
CA GLY A 287 10.53 -2.97 -4.74
C GLY A 287 9.24 -3.60 -5.25
N ARG A 288 8.11 -3.24 -4.67
CA ARG A 288 6.85 -3.94 -4.95
C ARG A 288 6.51 -3.93 -6.44
N THR A 289 6.69 -2.80 -7.10
CA THR A 289 6.34 -2.74 -8.52
C THR A 289 7.53 -2.95 -9.46
N GLY A 290 8.65 -3.50 -8.98
CA GLY A 290 9.76 -3.67 -9.92
C GLY A 290 10.62 -2.43 -10.09
N LYS A 291 10.33 -1.38 -9.35
CA LYS A 291 11.17 -0.22 -9.10
C LYS A 291 11.33 -0.10 -7.60
N MET A 292 12.28 0.72 -7.15
CA MET A 292 12.37 0.93 -5.71
C MET A 292 11.10 1.61 -5.19
N PHE A 293 10.59 2.60 -5.92
CA PHE A 293 9.31 3.21 -5.56
C PHE A 293 8.37 3.21 -6.74
N GLY A 294 7.07 3.12 -6.45
CA GLY A 294 6.09 3.03 -7.53
C GLY A 294 6.15 4.20 -8.49
N ILE A 295 6.28 5.42 -7.95
CA ILE A 295 6.18 6.60 -8.80
C ILE A 295 7.29 6.64 -9.88
N GLU A 296 8.38 5.89 -9.70
CA GLU A 296 9.44 5.91 -10.71
C GLU A 296 8.98 5.32 -12.03
N ASN A 297 7.96 4.47 -12.00
CA ASN A 297 7.40 3.95 -13.25
C ASN A 297 6.85 5.05 -14.15
N TRP A 298 6.61 6.23 -13.62
CA TRP A 298 5.99 7.30 -14.40
C TRP A 298 6.87 8.55 -14.45
N ASP A 299 8.14 8.45 -14.05
CA ASP A 299 9.12 9.53 -14.27
C ASP A 299 8.62 10.86 -13.74
N VAL A 300 8.15 10.83 -12.50
CA VAL A 300 7.59 12.02 -11.86
C VAL A 300 8.12 12.05 -10.43
N ILE A 301 8.47 13.24 -9.97
CA ILE A 301 8.95 13.45 -8.62
C ILE A 301 7.85 14.15 -7.83
N PRO A 302 7.32 13.52 -6.78
CA PRO A 302 6.32 14.18 -5.93
C PRO A 302 7.01 15.17 -4.99
N ASP A 303 6.20 16.11 -4.48
CA ASP A 303 6.67 16.98 -3.41
C ASP A 303 6.87 16.19 -2.11
N VAL A 304 6.05 15.17 -1.85
CA VAL A 304 6.02 14.48 -0.57
C VAL A 304 5.73 13.03 -0.87
N MET A 305 6.29 12.12 -0.07
CA MET A 305 6.07 10.71 -0.28
C MET A 305 5.83 10.07 1.08
N THR A 306 4.85 9.20 1.20
CA THR A 306 4.64 8.45 2.44
C THR A 306 4.93 6.97 2.19
N PHE A 307 5.34 6.26 3.26
CA PHE A 307 5.71 4.87 3.09
C PHE A 307 5.48 4.16 4.41
N ALA A 308 5.40 2.84 4.33
CA ALA A 308 5.30 1.96 5.51
C ALA A 308 5.56 0.54 5.05
N LYS A 309 4.76 -0.40 5.55
CA LYS A 309 4.73 -1.79 5.07
C LYS A 309 6.11 -2.36 4.72
N GLY A 310 6.46 -2.38 3.42
CA GLY A 310 7.64 -3.13 3.00
C GLY A 310 8.98 -2.54 3.43
N VAL A 311 8.98 -1.35 4.04
CA VAL A 311 10.24 -0.74 4.50
C VAL A 311 10.93 -1.65 5.50
N THR A 312 10.18 -2.42 6.31
CA THR A 312 10.73 -3.44 7.21
C THR A 312 10.27 -4.85 6.87
N SER A 313 9.69 -5.03 5.68
CA SER A 313 9.01 -6.27 5.30
C SER A 313 8.07 -6.73 6.39
N GLY A 314 7.48 -5.76 7.07
CA GLY A 314 6.50 -6.00 8.10
C GLY A 314 7.08 -6.62 9.36
N TYR A 315 8.40 -6.77 9.46
CA TYR A 315 9.00 -7.38 10.65
C TYR A 315 8.90 -6.48 11.89
N PHE A 316 8.72 -5.15 11.71
CA PHE A 316 8.71 -4.15 12.79
C PHE A 316 7.95 -2.94 12.27
N PRO A 317 6.96 -2.43 13.01
CA PRO A 317 6.14 -1.31 12.50
C PRO A 317 6.98 -0.05 12.29
N LEU A 318 6.94 0.48 11.08
CA LEU A 318 7.67 1.67 10.71
C LEU A 318 7.03 2.29 9.47
N GLY A 319 7.05 3.62 9.42
CA GLY A 319 6.61 4.32 8.23
C GLY A 319 7.24 5.68 8.23
N GLY A 320 6.78 6.54 7.33
CA GLY A 320 7.31 7.89 7.36
C GLY A 320 6.80 8.72 6.20
N VAL A 321 7.31 9.95 6.18
CA VAL A 321 6.99 10.98 5.22
C VAL A 321 8.33 11.58 4.77
N VAL A 322 8.60 11.57 3.47
CA VAL A 322 9.77 12.22 2.87
C VAL A 322 9.31 13.45 2.14
N VAL A 323 10.02 14.57 2.33
CA VAL A 323 9.67 15.84 1.71
C VAL A 323 10.84 16.29 0.82
N SER A 324 10.51 17.10 -0.18
CA SER A 324 11.47 17.65 -1.12
C SER A 324 12.42 18.64 -0.43
N ASP A 325 13.53 18.95 -1.13
CA ASP A 325 14.46 19.96 -0.63
C ASP A 325 13.83 21.34 -0.42
N PRO A 326 13.01 21.87 -1.33
CA PRO A 326 12.41 23.20 -1.08
C PRO A 326 11.55 23.22 0.15
N ILE A 327 10.77 22.15 0.35
CA ILE A 327 9.90 22.06 1.51
C ILE A 327 10.73 22.02 2.79
N HIS A 328 11.73 21.13 2.83
CA HIS A 328 12.65 21.13 3.98
C HIS A 328 13.21 22.53 4.25
N GLU A 329 13.59 23.25 3.18
CA GLU A 329 14.14 24.59 3.35
C GLU A 329 13.12 25.55 3.95
N VAL A 330 11.85 25.46 3.53
CA VAL A 330 10.81 26.30 4.14
C VAL A 330 10.60 25.94 5.60
N LEU A 331 10.65 24.65 5.92
CA LEU A 331 10.58 24.24 7.32
C LEU A 331 11.71 24.88 8.12
N LYS A 332 12.95 24.76 7.63
CA LYS A 332 14.11 25.32 8.31
C LYS A 332 13.96 26.82 8.52
N GLU A 333 13.38 27.51 7.55
CA GLU A 333 13.32 28.97 7.63
C GLU A 333 12.16 29.48 8.45
N LYS A 334 11.02 28.78 8.42
CA LYS A 334 9.77 29.35 8.92
C LYS A 334 9.06 28.48 9.94
N SER A 335 9.52 27.27 10.21
CA SER A 335 8.86 26.43 11.20
C SER A 335 9.47 26.74 12.56
N VAL A 336 8.90 27.76 13.20
CA VAL A 336 9.42 28.36 14.41
C VAL A 336 9.05 27.53 15.64
N GLY A 337 9.96 27.49 16.63
CA GLY A 337 9.83 26.71 17.87
C GLY A 337 9.70 25.21 17.61
N THR A 338 9.26 24.50 18.66
CA THR A 338 8.98 23.08 18.57
C THR A 338 7.98 22.77 17.45
N LEU A 339 8.31 21.80 16.62
CA LEU A 339 7.35 21.23 15.66
C LEU A 339 6.35 20.39 16.45
N PHE A 340 5.11 20.84 16.53
CA PHE A 340 4.17 20.19 17.45
C PHE A 340 3.47 19.01 16.76
N HIS A 341 4.29 18.05 16.33
CA HIS A 341 3.77 16.81 15.78
C HIS A 341 4.80 15.69 15.97
N GLY A 342 4.33 14.48 16.11
CA GLY A 342 5.24 13.39 16.35
C GLY A 342 4.60 12.31 17.18
N PHE A 343 5.23 11.15 17.15
CA PHE A 343 4.76 9.97 17.85
C PHE A 343 5.91 9.49 18.74
N THR A 344 5.53 9.00 19.91
CA THR A 344 6.48 8.37 20.81
C THR A 344 7.48 7.51 20.06
N TYR A 345 6.98 6.65 19.15
CA TYR A 345 7.85 5.69 18.47
C TYR A 345 8.44 6.21 17.17
N SER A 346 8.27 7.50 16.84
CA SER A 346 8.95 8.06 15.67
C SER A 346 10.45 7.83 15.76
N GLY A 347 11.02 7.17 14.74
CA GLY A 347 12.45 6.88 14.67
C GLY A 347 12.93 5.74 15.57
N HIS A 348 12.02 4.91 16.11
CA HIS A 348 12.35 3.79 16.99
C HIS A 348 13.69 3.13 16.59
N PRO A 349 14.70 3.08 17.48
CA PRO A 349 16.00 2.53 17.06
C PRO A 349 15.94 1.10 16.54
N THR A 350 15.10 0.26 17.15
CA THR A 350 15.02 -1.11 16.69
C THR A 350 14.34 -1.19 15.33
N ALA A 351 13.24 -0.43 15.13
CA ALA A 351 12.64 -0.35 13.80
C ALA A 351 13.67 0.06 12.77
N ALA A 352 14.47 1.06 13.12
CA ALA A 352 15.44 1.53 12.15
C ALA A 352 16.49 0.48 11.86
N ALA A 353 16.94 -0.27 12.88
CA ALA A 353 17.94 -1.31 12.63
C ALA A 353 17.39 -2.40 11.74
N VAL A 354 16.13 -2.78 11.94
CA VAL A 354 15.50 -3.79 11.08
C VAL A 354 15.34 -3.26 9.65
N ALA A 355 14.85 -2.02 9.52
CA ALA A 355 14.69 -1.45 8.17
C ALA A 355 16.01 -1.38 7.42
N LEU A 356 17.10 -1.01 8.10
CA LEU A 356 18.37 -0.93 7.42
C LEU A 356 18.75 -2.31 6.86
N LYS A 357 18.69 -3.34 7.71
CA LYS A 357 19.03 -4.69 7.21
C LYS A 357 18.06 -5.10 6.10
N ASN A 358 16.77 -4.77 6.27
CA ASN A 358 15.79 -5.10 5.24
C ASN A 358 16.16 -4.49 3.89
N ILE A 359 16.51 -3.21 3.88
CA ILE A 359 16.89 -2.56 2.62
C ILE A 359 18.18 -3.17 2.07
N ALA A 360 19.13 -3.54 2.94
CA ALA A 360 20.37 -4.15 2.45
C ALA A 360 20.08 -5.49 1.80
N ILE A 361 19.12 -6.26 2.35
CA ILE A 361 18.72 -7.50 1.71
C ILE A 361 18.13 -7.23 0.32
N ILE A 362 17.22 -6.27 0.23
CA ILE A 362 16.61 -5.98 -1.07
C ILE A 362 17.69 -5.65 -2.10
N LYS A 363 18.72 -4.88 -1.69
CA LYS A 363 19.82 -4.56 -2.59
C LYS A 363 20.66 -5.80 -2.89
N GLU A 364 21.03 -6.57 -1.86
CA GLU A 364 21.99 -7.64 -2.11
C GLU A 364 21.36 -8.79 -2.91
N GLU A 365 20.07 -9.04 -2.70
CA GLU A 365 19.38 -10.10 -3.43
C GLU A 365 18.72 -9.59 -4.71
N ARG A 366 18.94 -8.33 -5.08
CA ARG A 366 18.47 -7.83 -6.36
C ARG A 366 16.97 -8.04 -6.46
N LEU A 367 16.27 -7.76 -5.36
CA LEU A 367 14.85 -8.05 -5.31
C LEU A 367 14.04 -7.07 -6.14
N VAL A 368 14.53 -5.84 -6.35
CA VAL A 368 13.81 -4.92 -7.22
C VAL A 368 13.76 -5.50 -8.63
N GLU A 369 14.93 -5.87 -9.16
CA GLU A 369 14.98 -6.55 -10.45
C GLU A 369 14.18 -7.85 -10.44
N ASN A 370 14.29 -8.67 -9.37
CA ASN A 370 13.53 -9.92 -9.37
C ASN A 370 12.02 -9.66 -9.41
N SER A 371 11.58 -8.61 -8.73
CA SER A 371 10.16 -8.26 -8.74
C SER A 371 9.69 -7.93 -10.15
N LYS A 372 10.50 -7.19 -10.91
CA LYS A 372 10.09 -6.89 -12.28
C LYS A 372 10.05 -8.16 -13.14
N ARG A 373 11.02 -9.05 -12.99
CA ARG A 373 11.06 -10.22 -13.88
C ARG A 373 9.99 -11.23 -13.53
N MET A 374 9.76 -11.45 -12.23
CA MET A 374 8.72 -12.39 -11.82
C MET A 374 7.31 -11.82 -12.01
N GLY A 375 7.14 -10.50 -11.91
CA GLY A 375 5.90 -9.89 -12.37
C GLY A 375 5.63 -10.14 -13.84
N ASP A 376 6.63 -9.89 -14.69
CA ASP A 376 6.49 -10.27 -16.10
C ASP A 376 6.16 -11.74 -16.25
N ALA A 377 6.81 -12.60 -15.45
CA ALA A 377 6.57 -14.04 -15.60
C ALA A 377 5.15 -14.40 -15.16
N LEU A 378 4.67 -13.78 -14.08
CA LEU A 378 3.32 -14.02 -13.59
C LEU A 378 2.27 -13.50 -14.59
N LEU A 379 2.49 -12.30 -15.13
CA LEU A 379 1.59 -11.76 -16.14
C LEU A 379 1.54 -12.66 -17.37
N HIS A 380 2.71 -13.08 -17.87
CA HIS A 380 2.74 -13.98 -19.02
C HIS A 380 1.99 -15.27 -18.73
N GLY A 381 2.25 -15.88 -17.56
CA GLY A 381 1.56 -17.12 -17.24
C GLY A 381 0.06 -16.92 -17.11
N LEU A 382 -0.35 -15.87 -16.40
CA LEU A 382 -1.78 -15.69 -16.16
C LEU A 382 -2.53 -15.29 -17.42
N LYS A 383 -1.86 -14.62 -18.36
CA LYS A 383 -2.46 -14.43 -19.69
C LYS A 383 -2.78 -15.76 -20.35
N LYS A 384 -1.84 -16.72 -20.28
CA LYS A 384 -2.12 -18.05 -20.82
C LYS A 384 -3.33 -18.67 -20.12
N VAL A 385 -3.39 -18.55 -18.79
CA VAL A 385 -4.53 -19.03 -18.02
C VAL A 385 -5.82 -18.34 -18.48
N LYS A 386 -5.78 -17.03 -18.71
CA LYS A 386 -6.96 -16.36 -19.24
C LYS A 386 -7.49 -17.09 -20.47
N ASN A 387 -6.60 -17.50 -21.37
CA ASN A 387 -7.06 -18.12 -22.59
C ASN A 387 -7.56 -19.55 -22.37
N ARG A 388 -7.27 -20.17 -21.23
CA ARG A 388 -7.81 -21.50 -20.94
C ARG A 388 -9.17 -21.45 -20.26
N LEU A 389 -9.64 -20.28 -19.84
CA LEU A 389 -10.83 -20.13 -19.03
C LEU A 389 -11.87 -19.30 -19.77
N GLU A 390 -13.07 -19.22 -19.19
CA GLU A 390 -14.16 -18.45 -19.78
C GLU A 390 -14.48 -17.16 -19.01
N ILE A 391 -13.94 -16.96 -17.81
CA ILE A 391 -14.45 -15.87 -16.99
C ILE A 391 -13.36 -14.93 -16.50
N VAL A 392 -12.16 -15.00 -17.09
CA VAL A 392 -11.10 -14.05 -16.78
C VAL A 392 -11.14 -12.87 -17.75
N GLY A 393 -11.22 -11.66 -17.20
CA GLY A 393 -11.14 -10.42 -17.93
C GLY A 393 -9.73 -9.89 -17.97
N ASP A 394 -9.50 -8.75 -17.34
CA ASP A 394 -8.19 -8.15 -17.44
C ASP A 394 -7.22 -8.91 -16.56
N VAL A 395 -5.97 -8.94 -17.01
CA VAL A 395 -4.85 -9.41 -16.20
C VAL A 395 -3.80 -8.32 -16.30
N ARG A 396 -3.38 -7.77 -15.17
CA ARG A 396 -2.44 -6.67 -15.20
C ARG A 396 -1.45 -6.78 -14.06
N PHE A 397 -0.20 -6.43 -14.35
CA PHE A 397 0.84 -6.39 -13.33
C PHE A 397 1.78 -5.24 -13.60
N VAL A 398 2.30 -4.66 -12.53
CA VAL A 398 3.52 -3.88 -12.62
C VAL A 398 4.45 -4.42 -11.54
N GLY A 399 5.51 -5.12 -11.98
CA GLY A 399 6.26 -5.91 -11.01
C GLY A 399 5.32 -6.87 -10.30
N LEU A 400 5.65 -7.20 -9.04
CA LEU A 400 4.88 -8.17 -8.27
C LEU A 400 3.69 -7.50 -7.57
N LEU A 401 2.93 -6.74 -8.35
CA LEU A 401 1.70 -6.09 -7.89
C LEU A 401 0.72 -6.24 -9.03
N GLY A 402 -0.30 -7.07 -8.86
CA GLY A 402 -1.13 -7.31 -10.01
C GLY A 402 -2.51 -7.75 -9.60
N ALA A 403 -3.30 -8.10 -10.61
CA ALA A 403 -4.72 -8.34 -10.39
C ALA A 403 -5.27 -9.15 -11.54
N VAL A 404 -6.30 -9.91 -11.24
CA VAL A 404 -7.00 -10.74 -12.21
C VAL A 404 -8.48 -10.48 -11.99
N GLU A 405 -9.14 -9.88 -12.99
CA GLU A 405 -10.57 -9.57 -12.99
C GLU A 405 -11.38 -10.78 -13.45
N LEU A 406 -12.55 -10.95 -12.84
CA LEU A 406 -13.49 -11.98 -13.24
C LEU A 406 -14.71 -11.32 -13.85
N MET A 407 -15.23 -11.89 -14.95
CA MET A 407 -16.33 -11.29 -15.70
C MET A 407 -17.21 -12.38 -16.31
N GLN A 408 -18.52 -12.14 -16.36
CA GLN A 408 -19.44 -13.08 -17.02
C GLN A 408 -19.10 -13.27 -18.48
N ASN A 409 -18.72 -12.19 -19.17
CA ASN A 409 -18.33 -12.26 -20.57
C ASN A 409 -17.19 -11.30 -20.85
N PRO A 410 -15.93 -11.78 -20.76
CA PRO A 410 -14.77 -10.87 -20.92
C PRO A 410 -14.76 -10.09 -22.22
N ALA A 411 -15.19 -10.70 -23.33
CA ALA A 411 -15.07 -10.05 -24.63
C ALA A 411 -15.97 -8.83 -24.76
N THR A 412 -17.16 -8.87 -24.14
CA THR A 412 -18.08 -7.74 -24.11
C THR A 412 -18.00 -6.95 -22.81
N ASN A 413 -17.25 -7.44 -21.83
CA ASN A 413 -17.04 -6.77 -20.55
C ASN A 413 -18.31 -6.79 -19.69
N LYS A 414 -19.06 -7.88 -19.74
CA LYS A 414 -20.21 -8.03 -18.86
C LYS A 414 -19.77 -8.56 -17.49
N PRO A 415 -20.06 -7.86 -16.39
CA PRO A 415 -19.72 -8.35 -15.07
C PRO A 415 -20.77 -9.31 -14.51
N PHE A 416 -20.33 -10.16 -13.57
CA PHE A 416 -21.24 -10.89 -12.71
C PHE A 416 -22.02 -9.94 -11.82
N SER A 417 -23.27 -10.27 -11.51
CA SER A 417 -23.97 -9.50 -10.50
C SER A 417 -23.30 -9.68 -9.15
N SER A 418 -23.40 -8.65 -8.31
CA SER A 418 -22.66 -8.67 -7.06
C SER A 418 -23.13 -9.80 -6.16
N ASN A 419 -24.42 -10.14 -6.21
CA ASN A 419 -24.94 -11.17 -5.32
C ASN A 419 -24.36 -12.55 -5.61
N LEU A 420 -23.59 -12.73 -6.68
CA LEU A 420 -22.93 -14.01 -6.90
C LEU A 420 -21.60 -14.10 -6.19
N GLN A 421 -20.98 -12.97 -5.84
CA GLN A 421 -19.79 -12.96 -4.99
C GLN A 421 -18.66 -13.78 -5.60
N VAL A 422 -18.47 -13.66 -6.91
CA VAL A 422 -17.54 -14.54 -7.60
C VAL A 422 -16.13 -14.40 -7.04
N ALA A 423 -15.60 -13.17 -7.00
CA ALA A 423 -14.22 -13.04 -6.54
C ALA A 423 -14.02 -13.61 -5.15
N PRO A 424 -14.90 -13.37 -4.16
CA PRO A 424 -14.73 -14.02 -2.86
C PRO A 424 -14.80 -15.53 -2.92
N LYS A 425 -15.60 -16.07 -3.83
CA LYS A 425 -15.64 -17.53 -3.99
C LYS A 425 -14.29 -18.03 -4.50
N VAL A 426 -13.70 -17.33 -5.46
CA VAL A 426 -12.35 -17.71 -5.90
C VAL A 426 -11.35 -17.60 -4.74
N ILE A 427 -11.49 -16.57 -3.89
CA ILE A 427 -10.60 -16.47 -2.73
C ILE A 427 -10.70 -17.73 -1.89
N GLU A 428 -11.93 -18.15 -1.59
CA GLU A 428 -12.13 -19.34 -0.78
C GLU A 428 -11.55 -20.58 -1.46
N ALA A 429 -11.75 -20.72 -2.78
CA ALA A 429 -11.22 -21.90 -3.46
C ALA A 429 -9.70 -21.88 -3.46
N LEU A 430 -9.10 -20.72 -3.69
CA LEU A 430 -7.66 -20.59 -3.58
C LEU A 430 -7.19 -21.02 -2.21
N HIS A 431 -7.87 -20.51 -1.17
CA HIS A 431 -7.50 -20.82 0.20
C HIS A 431 -7.44 -22.33 0.43
N GLU A 432 -8.47 -23.04 -0.02
CA GLU A 432 -8.51 -24.47 0.20
C GLU A 432 -7.42 -25.17 -0.61
N LEU A 433 -6.97 -24.57 -1.69
CA LEU A 433 -5.89 -25.15 -2.48
C LEU A 433 -4.53 -24.62 -2.08
N GLY A 434 -4.40 -23.95 -0.93
CA GLY A 434 -3.09 -23.57 -0.45
C GLY A 434 -2.56 -22.25 -0.94
N VAL A 435 -3.42 -21.31 -1.34
CA VAL A 435 -2.98 -19.97 -1.73
C VAL A 435 -3.86 -18.94 -1.04
N ILE A 436 -3.21 -17.99 -0.35
CA ILE A 436 -3.89 -16.86 0.26
C ILE A 436 -3.74 -15.67 -0.68
N CYS A 437 -4.87 -15.21 -1.20
CA CYS A 437 -4.99 -13.96 -1.94
C CYS A 437 -6.09 -13.14 -1.26
N ARG A 438 -6.29 -11.89 -1.72
CA ARG A 438 -7.35 -11.05 -1.23
C ARG A 438 -8.12 -10.54 -2.45
N SER A 439 -9.43 -10.31 -2.28
CA SER A 439 -10.28 -9.83 -3.35
C SER A 439 -10.70 -8.38 -3.10
N VAL A 440 -11.10 -7.71 -4.19
CA VAL A 440 -11.59 -6.35 -4.15
C VAL A 440 -12.92 -6.38 -4.90
N THR A 441 -13.99 -6.00 -4.23
CA THR A 441 -15.29 -5.93 -4.88
C THR A 441 -15.95 -4.57 -4.79
N TYR A 442 -15.25 -3.53 -4.35
CA TYR A 442 -15.94 -2.25 -4.18
C TYR A 442 -16.59 -1.81 -5.48
N ASP A 443 -17.85 -1.36 -5.36
CA ASP A 443 -18.59 -0.76 -6.47
C ASP A 443 -18.70 -1.75 -7.62
N HIS A 444 -19.09 -2.98 -7.27
CA HIS A 444 -19.48 -4.02 -8.22
C HIS A 444 -18.32 -4.53 -9.07
N THR A 445 -17.16 -4.70 -8.46
CA THR A 445 -16.03 -5.28 -9.17
C THR A 445 -15.77 -6.69 -8.63
N ASN A 446 -15.02 -7.48 -9.38
CA ASN A 446 -14.62 -8.83 -8.97
C ASN A 446 -13.14 -8.98 -9.34
N ILE A 447 -12.27 -8.67 -8.37
CA ILE A 447 -10.85 -8.55 -8.63
C ILE A 447 -10.10 -9.42 -7.64
N ILE A 448 -9.27 -10.35 -8.13
CA ILE A 448 -8.33 -11.12 -7.31
C ILE A 448 -7.00 -10.39 -7.28
N CYS A 449 -6.52 -10.03 -6.09
CA CYS A 449 -5.26 -9.30 -5.96
C CYS A 449 -4.10 -10.26 -5.80
N LEU A 450 -2.95 -9.91 -6.37
CA LEU A 450 -1.77 -10.79 -6.33
C LEU A 450 -0.54 -9.94 -6.05
N ALA A 451 0.28 -10.37 -5.08
CA ALA A 451 1.43 -9.56 -4.70
C ALA A 451 2.32 -10.41 -3.79
N PRO A 452 2.96 -11.44 -4.34
CA PRO A 452 3.70 -12.36 -3.50
C PRO A 452 5.05 -11.74 -3.14
N PRO A 453 5.75 -12.32 -2.15
CA PRO A 453 7.02 -11.70 -1.72
C PRO A 453 8.00 -11.63 -2.87
N LEU A 454 8.92 -10.67 -2.78
CA LEU A 454 9.79 -10.35 -3.90
C LEU A 454 10.84 -11.41 -4.16
N ILE A 455 11.00 -12.36 -3.23
CA ILE A 455 11.93 -13.47 -3.43
C ILE A 455 11.36 -14.59 -4.30
N ILE A 456 10.10 -14.50 -4.74
CA ILE A 456 9.49 -15.66 -5.38
C ILE A 456 10.31 -16.05 -6.61
N ASN A 457 10.40 -17.35 -6.90
CA ASN A 457 11.18 -17.77 -8.06
C ASN A 457 10.27 -18.38 -9.13
N GLN A 458 10.88 -18.79 -10.26
CA GLN A 458 10.09 -19.15 -11.43
C GLN A 458 9.30 -20.44 -11.18
N LYS A 459 9.97 -21.45 -10.61
CA LYS A 459 9.26 -22.65 -10.16
C LYS A 459 8.00 -22.29 -9.37
N GLN A 460 8.17 -21.39 -8.40
CA GLN A 460 7.04 -20.98 -7.56
C GLN A 460 5.97 -20.22 -8.34
N VAL A 461 6.38 -19.31 -9.24
CA VAL A 461 5.40 -18.63 -10.09
C VAL A 461 4.60 -19.66 -10.89
N ASP A 462 5.27 -20.66 -11.46
CA ASP A 462 4.57 -21.70 -12.22
C ASP A 462 3.48 -22.38 -11.39
N LYS A 463 3.82 -22.83 -10.17
CA LYS A 463 2.81 -23.48 -9.34
C LYS A 463 1.69 -22.51 -8.98
N LEU A 464 2.04 -21.28 -8.65
CA LEU A 464 1.02 -20.32 -8.31
C LEU A 464 0.05 -20.11 -9.47
N VAL A 465 0.57 -20.01 -10.68
CA VAL A 465 -0.30 -19.80 -11.83
C VAL A 465 -1.25 -20.98 -11.99
N GLU A 466 -0.72 -22.21 -11.91
CA GLU A 466 -1.55 -23.41 -12.05
C GLU A 466 -2.66 -23.44 -11.01
N VAL A 467 -2.35 -23.11 -9.75
CA VAL A 467 -3.37 -23.13 -8.69
C VAL A 467 -4.45 -22.08 -8.97
N ILE A 468 -4.03 -20.90 -9.42
CA ILE A 468 -5.01 -19.89 -9.79
C ILE A 468 -5.92 -20.44 -10.88
N TYR A 469 -5.35 -21.10 -11.90
CA TYR A 469 -6.18 -21.70 -12.94
C TYR A 469 -7.20 -22.67 -12.34
N GLU A 470 -6.72 -23.57 -11.46
CA GLU A 470 -7.59 -24.60 -10.90
C GLU A 470 -8.71 -23.99 -10.04
N ALA A 471 -8.41 -22.93 -9.29
CA ALA A 471 -9.42 -22.32 -8.44
C ALA A 471 -10.46 -21.54 -9.24
N ILE A 472 -10.03 -20.78 -10.25
CA ILE A 472 -11.03 -20.12 -11.08
C ILE A 472 -11.85 -21.14 -11.85
N LEU A 473 -11.20 -22.22 -12.33
CA LEU A 473 -11.95 -23.27 -13.03
C LEU A 473 -13.03 -23.88 -12.14
N LYS A 474 -12.71 -24.12 -10.87
CA LYS A 474 -13.70 -24.71 -9.95
C LYS A 474 -14.91 -23.80 -9.82
N VAL A 475 -14.69 -22.51 -9.57
CA VAL A 475 -15.81 -21.59 -9.42
C VAL A 475 -16.54 -21.44 -10.77
N GLN A 476 -15.78 -21.28 -11.85
CA GLN A 476 -16.37 -21.23 -13.18
C GLN A 476 -17.32 -22.38 -13.38
N GLN A 477 -16.95 -23.56 -12.88
CA GLN A 477 -17.80 -24.75 -13.02
C GLN A 477 -18.98 -24.73 -12.06
N GLN A 478 -18.79 -24.29 -10.81
CA GLN A 478 -19.92 -24.29 -9.89
C GLN A 478 -21.01 -23.33 -10.37
N LEU A 479 -20.62 -22.27 -11.05
CA LEU A 479 -21.55 -21.31 -11.65
C LEU A 479 -22.32 -21.89 -12.84
N GLY A 480 -22.28 -23.19 -13.12
CA GLY A 480 -23.00 -23.75 -14.27
C GLY A 480 -22.36 -23.31 -15.57
N1 PLP B . -1.83 3.76 2.38
C2 PLP B . -2.01 2.64 1.57
C2A PLP B . -1.84 2.76 0.08
C3 PLP B . -2.39 1.40 2.13
O3 PLP B . -2.57 0.30 1.32
C4 PLP B . -2.55 1.30 3.53
C4A PLP B . -2.79 -0.02 4.20
O4A PLP B . -3.09 -1.00 3.50
C5 PLP B . -2.37 2.43 4.31
C6 PLP B . -2.01 3.66 3.74
C5A PLP B . -2.54 2.35 5.83
O4P PLP B . -1.37 1.75 6.42
P PLP B . -1.46 1.12 7.91
O1P PLP B . -2.42 -0.01 7.78
O2P PLP B . -1.88 2.22 8.85
O3P PLP B . -0.03 0.73 8.29
H2A1 PLP B . -2.01 1.80 -0.40
H2A2 PLP B . -0.82 3.10 -0.14
H2A3 PLP B . -2.55 3.49 -0.32
HO3 PLP B . -2.74 -0.49 1.87
H4A PLP B . -2.64 -0.14 5.28
H6 PLP B . -1.88 4.54 4.37
H5A1 PLP B . -2.69 3.34 6.25
H5A2 PLP B . -3.41 1.75 6.08
C1 EDO C . 12.82 -19.83 9.01
O1 EDO C . 13.79 -19.50 10.04
C2 EDO C . 11.54 -20.53 9.53
O2 EDO C . 10.51 -19.71 10.11
H11 EDO C . 12.53 -18.91 8.50
H12 EDO C . 13.29 -20.49 8.28
HO1 EDO C . 14.57 -19.11 9.63
H21 EDO C . 11.10 -21.07 8.68
H22 EDO C . 11.84 -21.27 10.27
HO2 EDO C . 9.77 -20.26 10.41
C1 EDO D . -7.65 -2.48 3.90
O1 EDO D . -6.96 -3.00 2.76
C2 EDO D . -9.15 -2.70 3.84
O2 EDO D . -9.50 -4.09 3.93
H11 EDO D . -7.25 -2.94 4.80
H12 EDO D . -7.46 -1.40 3.96
HO1 EDO D . -6.02 -2.77 2.81
H21 EDO D . -9.63 -2.17 4.65
H22 EDO D . -9.53 -2.31 2.89
HO2 EDO D . -10.46 -4.19 3.90
C1 EDO E . 9.55 18.35 -7.05
O1 EDO E . 8.31 18.46 -7.75
C2 EDO E . 9.58 19.44 -5.98
O2 EDO E . 10.93 19.69 -5.56
H11 EDO E . 10.39 18.45 -7.73
H12 EDO E . 9.63 17.35 -6.57
HO1 EDO E . 8.34 17.94 -8.56
H21 EDO E . 8.98 19.13 -5.13
H22 EDO E . 9.15 20.35 -6.39
HO2 EDO E . 10.93 20.44 -4.94
CL CL F . 22.61 -8.00 3.90
#